data_6FNZ
#
_entry.id   6FNZ
#
_cell.length_a   98.450
_cell.length_b   98.450
_cell.length_c   114.810
_cell.angle_alpha   90.000
_cell.angle_beta   90.000
_cell.angle_gamma   90.000
#
_symmetry.space_group_name_H-M   'P 43 21 2'
#
loop_
_entity.id
_entity.type
_entity.pdbx_description
1 polymer 'Neuronal migration protein doublecortin'
2 polymer 'possible peptide'
3 water water
#
loop_
_entity_poly.entity_id
_entity_poly.type
_entity_poly.pdbx_seq_one_letter_code
_entity_poly.pdbx_strand_id
1 'polypeptide(L)'
;KDFVRPKLVTIIRSGVKPRKAVRVLLNKKTAHSFEQVLTDITEAIKLETGVVKKLYTLDGKQVTCLHDFFGDDDVFIACG
P
;
A,B,C,D
2 'polypeptide(L)' PESSEG E,F,G
#
# COMPACT_ATOMS: atom_id res chain seq x y z
N VAL A 4 -19.03 4.99 -29.25
CA VAL A 4 -18.60 5.20 -27.87
C VAL A 4 -17.82 6.51 -27.81
N ARG A 5 -17.62 7.04 -26.60
CA ARG A 5 -16.92 8.31 -26.39
C ARG A 5 -16.19 8.28 -25.05
N PRO A 6 -15.05 8.97 -24.94
CA PRO A 6 -14.29 8.96 -23.68
C PRO A 6 -14.98 9.76 -22.59
N LYS A 7 -14.67 9.41 -21.35
CA LYS A 7 -15.34 9.95 -20.16
C LYS A 7 -14.38 10.80 -19.34
N LEU A 8 -14.78 12.03 -19.05
CA LEU A 8 -13.98 12.97 -18.28
C LEU A 8 -14.51 12.95 -16.84
N VAL A 9 -13.81 12.23 -15.97
CA VAL A 9 -14.23 12.06 -14.59
C VAL A 9 -13.57 13.11 -13.70
N THR A 10 -14.31 13.53 -12.68
CA THR A 10 -13.85 14.47 -11.68
C THR A 10 -13.67 13.71 -10.37
N ILE A 11 -12.47 13.80 -9.79
CA ILE A 11 -12.13 13.05 -8.58
C ILE A 11 -11.93 14.03 -7.43
N ILE A 12 -12.60 13.77 -6.31
CA ILE A 12 -12.43 14.56 -5.10
C ILE A 12 -11.75 13.70 -4.05
N ARG A 13 -10.63 14.19 -3.53
CA ARG A 13 -9.87 13.43 -2.56
C ARG A 13 -10.54 13.55 -1.20
N SER A 14 -10.86 12.41 -0.61
CA SER A 14 -11.53 12.42 0.67
C SER A 14 -10.67 13.14 1.69
N GLY A 15 -11.28 14.10 2.39
CA GLY A 15 -10.65 14.79 3.49
C GLY A 15 -9.65 15.86 3.12
N VAL A 16 -9.28 16.00 1.85
CA VAL A 16 -8.12 16.82 1.48
C VAL A 16 -8.57 18.26 1.18
N LYS A 17 -7.88 19.21 1.81
CA LYS A 17 -8.13 20.61 1.58
C LYS A 17 -6.84 21.28 1.13
N PRO A 18 -6.89 22.28 0.26
CA PRO A 18 -8.08 22.87 -0.39
C PRO A 18 -8.82 21.89 -1.27
N ARG A 19 -10.06 22.22 -1.62
CA ARG A 19 -10.91 21.38 -2.46
C ARG A 19 -10.57 21.62 -3.91
N LYS A 20 -9.77 20.72 -4.49
CA LYS A 20 -9.39 20.85 -5.89
C LYS A 20 -9.76 19.59 -6.65
N ALA A 21 -10.49 19.76 -7.75
CA ALA A 21 -10.90 18.63 -8.57
C ALA A 21 -9.71 18.06 -9.32
N VAL A 22 -9.62 16.74 -9.38
CA VAL A 22 -8.63 16.07 -10.22
C VAL A 22 -9.40 15.41 -11.38
N ARG A 23 -9.06 15.79 -12.60
CA ARG A 23 -9.74 15.31 -13.80
C ARG A 23 -8.92 14.21 -14.46
N VAL A 24 -9.59 13.10 -14.76
CA VAL A 24 -8.97 11.95 -15.40
C VAL A 24 -9.83 11.57 -16.59
N LEU A 25 -9.20 11.40 -17.75
CA LEU A 25 -9.89 10.99 -18.97
C LEU A 25 -9.72 9.49 -19.17
N LEU A 26 -10.82 8.75 -19.13
CA LEU A 26 -10.74 7.30 -19.24
C LEU A 26 -11.64 6.83 -20.37
N ASN A 27 -11.22 5.77 -21.02
CA ASN A 27 -11.90 5.27 -22.21
C ASN A 27 -12.46 3.89 -21.90
N LYS A 28 -13.79 3.74 -22.02
CA LYS A 28 -14.44 2.46 -21.73
C LYS A 28 -13.81 1.32 -22.52
N LYS A 29 -13.24 1.61 -23.68
CA LYS A 29 -12.59 0.60 -24.49
C LYS A 29 -11.06 0.59 -24.37
N THR A 30 -10.49 1.46 -23.54
CA THR A 30 -9.06 1.43 -23.21
C THR A 30 -8.80 0.88 -21.81
N ALA A 31 -9.48 1.43 -20.80
CA ALA A 31 -9.33 0.98 -19.43
C ALA A 31 -9.72 -0.49 -19.33
N HIS A 32 -8.74 -1.38 -19.48
CA HIS A 32 -9.03 -2.80 -19.55
C HIS A 32 -9.00 -3.47 -18.19
N SER A 33 -9.24 -2.72 -17.12
CA SER A 33 -9.10 -3.23 -15.77
C SER A 33 -9.54 -2.16 -14.77
N PHE A 34 -10.30 -2.54 -13.75
CA PHE A 34 -10.65 -1.56 -12.72
C PHE A 34 -9.43 -1.15 -11.90
N GLU A 35 -8.52 -2.09 -11.61
CA GLU A 35 -7.33 -1.70 -10.86
C GLU A 35 -6.51 -0.70 -11.66
N GLN A 36 -6.44 -0.85 -12.99
CA GLN A 36 -5.74 0.14 -13.81
C GLN A 36 -6.39 1.51 -13.75
N VAL A 37 -7.73 1.58 -13.66
CA VAL A 37 -8.38 2.87 -13.47
C VAL A 37 -7.88 3.53 -12.20
N LEU A 38 -7.85 2.77 -11.09
CA LEU A 38 -7.36 3.32 -9.84
C LEU A 38 -5.93 3.80 -9.97
N THR A 39 -5.08 3.03 -10.66
CA THR A 39 -3.70 3.46 -10.89
C THR A 39 -3.64 4.75 -11.68
N ASP A 40 -4.44 4.85 -12.75
CA ASP A 40 -4.52 6.09 -13.50
C ASP A 40 -4.98 7.24 -12.61
N ILE A 41 -5.95 7.01 -11.73
CA ILE A 41 -6.39 8.09 -10.85
C ILE A 41 -5.28 8.46 -9.89
N THR A 42 -4.59 7.45 -9.38
CA THR A 42 -3.47 7.70 -8.49
C THR A 42 -2.43 8.58 -9.16
N GLU A 43 -2.05 8.23 -10.40
CA GLU A 43 -1.05 9.02 -11.11
C GLU A 43 -1.52 10.44 -11.32
N ALA A 44 -2.80 10.62 -11.65
CA ALA A 44 -3.27 11.98 -11.90
C ALA A 44 -3.20 12.80 -10.62
N ILE A 45 -3.51 12.18 -9.49
CA ILE A 45 -3.40 12.89 -8.22
C ILE A 45 -1.95 13.30 -7.96
N LYS A 46 -1.02 12.35 -8.16
CA LYS A 46 0.38 12.66 -7.95
C LYS A 46 0.84 13.78 -8.87
N LEU A 47 0.33 13.81 -10.09
CA LEU A 47 0.75 14.82 -11.05
C LEU A 47 0.30 16.21 -10.62
N GLU A 48 -0.84 16.33 -9.95
CA GLU A 48 -1.34 17.63 -9.54
C GLU A 48 -0.58 18.19 -8.34
N THR A 49 0.30 17.41 -7.72
CA THR A 49 1.19 17.89 -6.69
C THR A 49 2.11 18.97 -7.26
N GLY A 50 1.95 20.20 -6.77
CA GLY A 50 2.85 21.26 -7.20
C GLY A 50 4.27 20.96 -6.82
N VAL A 51 5.20 21.28 -7.72
CA VAL A 51 6.60 21.12 -7.42
C VAL A 51 7.00 22.16 -6.37
N VAL A 52 7.86 21.77 -5.43
CA VAL A 52 8.31 22.66 -4.36
C VAL A 52 9.22 23.73 -4.95
N LYS A 53 8.81 25.00 -4.85
CA LYS A 53 9.60 26.13 -5.32
C LYS A 53 10.30 26.88 -4.18
N LYS A 54 9.71 26.96 -2.99
CA LYS A 54 10.31 27.67 -1.89
C LYS A 54 10.20 26.83 -0.61
N LEU A 55 11.09 27.14 0.34
CA LEU A 55 11.06 26.58 1.69
C LEU A 55 11.15 27.71 2.70
N TYR A 56 10.46 27.55 3.83
CA TYR A 56 10.49 28.54 4.90
C TYR A 56 10.70 27.83 6.24
N THR A 57 11.42 28.50 7.14
CA THR A 57 11.44 28.08 8.53
C THR A 57 10.08 28.30 9.16
N LEU A 58 9.89 27.75 10.36
CA LEU A 58 8.62 27.96 11.04
C LEU A 58 8.42 29.43 11.35
N ASP A 59 9.51 30.15 11.60
CA ASP A 59 9.46 31.57 11.91
C ASP A 59 9.46 32.46 10.67
N GLY A 60 9.27 31.89 9.48
CA GLY A 60 9.01 32.68 8.30
C GLY A 60 10.20 33.15 7.49
N LYS A 61 11.41 32.69 7.78
CA LYS A 61 12.57 33.06 6.97
C LYS A 61 12.69 32.09 5.79
N GLN A 62 12.95 32.62 4.62
CA GLN A 62 13.12 31.75 3.46
C GLN A 62 14.45 31.00 3.56
N VAL A 63 14.41 29.71 3.27
CA VAL A 63 15.60 28.89 3.16
C VAL A 63 15.97 28.81 1.69
N THR A 64 17.13 29.35 1.34
CA THR A 64 17.53 29.53 -0.04
C THR A 64 18.82 28.83 -0.45
N CYS A 65 19.47 28.11 0.46
CA CYS A 65 20.73 27.48 0.08
C CYS A 65 20.99 26.31 1.00
N LEU A 66 21.90 25.43 0.57
CA LEU A 66 22.24 24.24 1.34
C LEU A 66 22.70 24.58 2.75
N HIS A 67 23.32 25.74 2.94
CA HIS A 67 23.81 26.10 4.27
C HIS A 67 22.65 26.32 5.23
N ASP A 68 21.66 27.14 4.84
CA ASP A 68 20.47 27.30 5.67
C ASP A 68 19.79 25.97 5.93
N PHE A 69 19.84 25.06 4.97
CA PHE A 69 19.03 23.85 5.06
C PHE A 69 19.60 22.90 6.11
N PHE A 70 20.91 22.90 6.31
CA PHE A 70 21.53 21.94 7.21
C PHE A 70 21.90 22.55 8.54
N GLY A 71 21.28 23.69 8.88
CA GLY A 71 21.47 24.33 10.17
C GLY A 71 20.67 23.65 11.27
N ASP A 72 20.28 24.46 12.26
CA ASP A 72 19.73 23.89 13.49
C ASP A 72 18.30 23.37 13.31
N ASP A 73 17.46 24.11 12.58
CA ASP A 73 16.08 23.70 12.40
C ASP A 73 16.02 22.42 11.56
N ASP A 74 15.15 21.48 11.96
CA ASP A 74 14.89 20.32 11.12
C ASP A 74 13.43 20.20 10.69
N VAL A 75 12.64 21.26 10.87
CA VAL A 75 11.24 21.33 10.44
C VAL A 75 11.11 22.52 9.49
N PHE A 76 10.49 22.32 8.34
CA PHE A 76 10.38 23.39 7.36
C PHE A 76 9.00 23.38 6.71
N ILE A 77 8.61 24.53 6.18
CA ILE A 77 7.35 24.67 5.46
C ILE A 77 7.64 24.79 3.97
N ALA A 78 6.99 23.93 3.18
CA ALA A 78 7.16 23.91 1.73
C ALA A 78 6.00 24.64 1.04
N CYS A 79 6.35 25.54 0.14
CA CYS A 79 5.40 26.25 -0.69
C CYS A 79 5.60 25.85 -2.14
N GLY A 80 4.51 25.61 -2.85
CA GLY A 80 4.57 25.42 -4.28
C GLY A 80 4.60 26.74 -5.02
N PRO A 81 4.08 26.75 -6.25
CA PRO A 81 3.93 27.98 -7.04
C PRO A 81 2.94 28.97 -6.43
N LYS B 1 18.82 6.11 18.33
CA LYS B 1 19.57 6.76 19.40
C LYS B 1 21.08 6.77 19.13
N ASP B 2 21.44 7.21 17.92
CA ASP B 2 22.81 7.31 17.42
C ASP B 2 23.46 5.95 17.19
N PHE B 3 22.67 4.87 17.22
CA PHE B 3 23.10 3.57 16.72
C PHE B 3 22.37 3.16 15.45
N VAL B 4 21.34 3.89 15.04
CA VAL B 4 20.59 3.58 13.82
C VAL B 4 21.40 4.02 12.61
N ARG B 5 21.58 3.10 11.66
CA ARG B 5 22.38 3.26 10.47
C ARG B 5 21.70 2.44 9.37
N PRO B 6 21.91 2.79 8.10
CA PRO B 6 21.26 2.03 7.03
C PRO B 6 21.63 0.55 7.11
N LYS B 7 20.61 -0.32 7.04
CA LYS B 7 20.82 -1.77 7.13
C LYS B 7 19.68 -2.48 6.43
N LEU B 8 20.02 -3.28 5.42
CA LEU B 8 19.05 -4.09 4.69
C LEU B 8 18.91 -5.44 5.39
N VAL B 9 17.79 -5.65 6.04
CA VAL B 9 17.56 -6.81 6.90
C VAL B 9 16.71 -7.84 6.16
N THR B 10 17.09 -9.11 6.31
CA THR B 10 16.35 -10.23 5.76
C THR B 10 15.55 -10.91 6.86
N ILE B 11 14.27 -11.23 6.57
CA ILE B 11 13.38 -11.88 7.52
C ILE B 11 12.93 -13.22 6.94
N ILE B 12 13.06 -14.27 7.73
CA ILE B 12 12.61 -15.62 7.36
C ILE B 12 11.43 -15.97 8.24
N ARG B 13 10.31 -16.33 7.60
CA ARG B 13 9.09 -16.67 8.33
C ARG B 13 9.19 -18.10 8.85
N SER B 14 9.04 -18.25 10.17
CA SER B 14 9.07 -19.56 10.79
C SER B 14 7.93 -20.43 10.30
N GLY B 15 8.25 -21.68 9.96
CA GLY B 15 7.25 -22.67 9.59
C GLY B 15 6.33 -22.27 8.45
N VAL B 16 6.87 -21.61 7.42
CA VAL B 16 6.11 -21.21 6.24
C VAL B 16 6.91 -21.64 5.03
N LYS B 17 6.26 -22.38 4.11
CA LYS B 17 6.86 -22.69 2.82
C LYS B 17 6.04 -22.05 1.70
N PRO B 18 6.67 -21.65 0.58
CA PRO B 18 8.11 -21.75 0.29
C PRO B 18 8.99 -20.81 1.11
N ARG B 19 10.29 -21.10 1.11
CA ARG B 19 11.29 -20.36 1.89
C ARG B 19 11.71 -19.13 1.09
N LYS B 20 11.01 -18.02 1.32
CA LYS B 20 11.29 -16.77 0.61
C LYS B 20 11.72 -15.69 1.58
N ALA B 21 12.82 -15.02 1.26
CA ALA B 21 13.31 -13.92 2.07
C ALA B 21 12.38 -12.72 1.95
N VAL B 22 12.14 -12.06 3.07
CA VAL B 22 11.44 -10.77 3.08
C VAL B 22 12.45 -9.73 3.54
N ARG B 23 12.71 -8.72 2.69
CA ARG B 23 13.73 -7.72 2.99
C ARG B 23 13.09 -6.41 3.46
N VAL B 24 13.70 -5.79 4.47
CA VAL B 24 13.21 -4.53 5.03
C VAL B 24 14.39 -3.59 5.22
N LEU B 25 14.24 -2.36 4.73
CA LEU B 25 15.32 -1.37 4.82
C LEU B 25 15.18 -0.58 6.11
N LEU B 26 16.17 -0.66 6.99
CA LEU B 26 16.17 0.09 8.24
C LEU B 26 17.08 1.30 8.10
N ASN B 27 16.62 2.45 8.58
CA ASN B 27 17.42 3.69 8.63
C ASN B 27 16.68 4.66 9.53
N LYS B 28 17.19 5.89 9.62
CA LYS B 28 16.61 6.86 10.54
C LYS B 28 15.15 7.12 10.20
N LYS B 29 14.81 7.12 8.91
CA LYS B 29 13.47 7.44 8.47
C LYS B 29 12.49 6.30 8.77
N THR B 30 12.96 5.05 8.71
CA THR B 30 12.08 3.89 8.88
C THR B 30 12.22 3.19 10.23
N ALA B 31 13.31 3.39 10.96
CA ALA B 31 13.50 2.66 12.22
C ALA B 31 13.40 3.64 13.40
N HIS B 32 12.16 3.88 13.85
CA HIS B 32 11.93 4.73 15.00
CA HIS B 32 11.89 4.74 15.00
C HIS B 32 11.80 3.96 16.31
N SER B 33 11.07 2.85 16.31
CA SER B 33 10.79 2.13 17.53
C SER B 33 10.78 0.64 17.23
N PHE B 34 10.98 -0.17 18.27
CA PHE B 34 10.96 -1.61 18.08
C PHE B 34 9.59 -2.08 17.60
N GLU B 35 8.52 -1.63 18.28
CA GLU B 35 7.18 -2.07 17.91
C GLU B 35 6.85 -1.69 16.47
N GLN B 36 7.33 -0.53 16.04
CA GLN B 36 6.97 -0.06 14.71
C GLN B 36 7.77 -0.79 13.64
N VAL B 37 8.98 -1.25 13.95
CA VAL B 37 9.69 -2.10 12.99
C VAL B 37 8.94 -3.42 12.82
N LEU B 38 8.37 -3.95 13.91
CA LEU B 38 7.62 -5.19 13.83
C LEU B 38 6.42 -5.04 12.89
N THR B 39 5.68 -3.95 13.03
CA THR B 39 4.51 -3.78 12.18
C THR B 39 4.91 -3.56 10.72
N ASP B 40 6.04 -2.90 10.46
CA ASP B 40 6.52 -2.76 9.09
C ASP B 40 6.94 -4.10 8.49
N ILE B 41 7.47 -4.99 9.33
CA ILE B 41 7.80 -6.35 8.87
C ILE B 41 6.52 -7.08 8.53
N THR B 42 5.52 -7.00 9.41
CA THR B 42 4.21 -7.54 9.12
C THR B 42 3.69 -7.01 7.80
N GLU B 43 3.79 -5.70 7.59
CA GLU B 43 3.27 -5.14 6.34
C GLU B 43 4.08 -5.64 5.16
N ALA B 44 5.40 -5.75 5.29
CA ALA B 44 6.18 -6.25 4.16
C ALA B 44 5.88 -7.71 3.89
N ILE B 45 5.59 -8.50 4.93
CA ILE B 45 5.16 -9.86 4.69
C ILE B 45 3.84 -9.87 3.92
N LYS B 46 2.89 -9.02 4.30
CA LYS B 46 1.60 -9.00 3.60
C LYS B 46 1.78 -8.61 2.14
N LEU B 47 2.66 -7.66 1.87
CA LEU B 47 2.93 -7.24 0.49
C LEU B 47 3.49 -8.39 -0.34
N GLU B 48 4.47 -9.11 0.20
CA GLU B 48 5.11 -10.19 -0.57
C GLU B 48 4.16 -11.34 -0.85
N THR B 49 3.04 -11.43 -0.15
CA THR B 49 1.90 -12.20 -0.59
C THR B 49 1.33 -11.52 -1.83
N GLY B 50 1.56 -12.12 -3.00
CA GLY B 50 1.18 -11.44 -4.21
C GLY B 50 -0.33 -11.29 -4.34
N VAL B 51 -0.73 -10.78 -5.48
CA VAL B 51 -2.14 -10.67 -5.83
C VAL B 51 -2.54 -11.95 -6.54
N VAL B 52 -3.73 -12.46 -6.23
CA VAL B 52 -4.26 -13.63 -6.92
C VAL B 52 -4.48 -13.31 -8.40
N LYS B 53 -3.84 -14.10 -9.25
CA LYS B 53 -3.83 -13.87 -10.69
C LYS B 53 -4.66 -14.89 -11.45
N LYS B 54 -4.61 -16.15 -11.04
CA LYS B 54 -5.37 -17.21 -11.69
C LYS B 54 -6.01 -18.10 -10.63
N LEU B 55 -7.19 -18.61 -10.95
CA LEU B 55 -7.89 -19.60 -10.15
C LEU B 55 -8.06 -20.90 -10.94
N TYR B 56 -8.00 -22.02 -10.23
CA TYR B 56 -8.15 -23.33 -10.85
C TYR B 56 -9.06 -24.22 -10.00
N THR B 57 -9.83 -25.08 -10.68
CA THR B 57 -10.51 -26.15 -9.97
C THR B 57 -9.48 -27.15 -9.45
N LEU B 58 -9.92 -28.03 -8.54
CA LEU B 58 -9.02 -29.08 -8.07
C LEU B 58 -8.62 -30.02 -9.19
N ASP B 59 -9.43 -30.12 -10.24
CA ASP B 59 -9.17 -31.00 -11.37
C ASP B 59 -8.46 -30.29 -12.51
N GLY B 60 -7.84 -29.15 -12.25
CA GLY B 60 -6.95 -28.52 -13.19
C GLY B 60 -7.57 -27.48 -14.10
N LYS B 61 -8.89 -27.37 -14.16
CA LYS B 61 -9.51 -26.48 -15.12
C LYS B 61 -9.43 -25.04 -14.62
N GLN B 62 -9.01 -24.14 -15.50
CA GLN B 62 -8.87 -22.75 -15.09
C GLN B 62 -10.25 -22.11 -14.97
N VAL B 63 -10.41 -21.30 -13.93
CA VAL B 63 -11.64 -20.54 -13.70
C VAL B 63 -11.42 -19.14 -14.27
N THR B 64 -12.29 -18.72 -15.21
CA THR B 64 -12.04 -17.49 -15.94
C THR B 64 -13.17 -16.46 -15.92
N CYS B 65 -14.30 -16.75 -15.30
CA CYS B 65 -15.43 -15.81 -15.37
C CYS B 65 -16.33 -16.04 -14.18
N LEU B 66 -17.21 -15.07 -13.95
CA LEU B 66 -18.15 -15.18 -12.84
C LEU B 66 -19.00 -16.44 -12.94
N HIS B 67 -19.32 -16.89 -14.17
CA HIS B 67 -20.14 -18.08 -14.30
C HIS B 67 -19.42 -19.31 -13.77
N ASP B 68 -18.18 -19.54 -14.24
CA ASP B 68 -17.36 -20.62 -13.69
C ASP B 68 -17.36 -20.61 -12.16
N PHE B 69 -17.53 -19.44 -11.57
CA PHE B 69 -17.38 -19.28 -10.14
C PHE B 69 -18.59 -19.76 -9.37
N PHE B 70 -19.77 -19.73 -9.97
CA PHE B 70 -20.98 -20.19 -9.30
C PHE B 70 -21.48 -21.48 -9.96
N GLY B 71 -20.54 -22.33 -10.37
CA GLY B 71 -20.83 -23.68 -10.78
C GLY B 71 -21.07 -24.58 -9.58
N ASP B 72 -20.79 -25.88 -9.74
CA ASP B 72 -21.04 -26.78 -8.63
C ASP B 72 -19.89 -26.86 -7.65
N ASP B 73 -18.66 -26.58 -8.10
CA ASP B 73 -17.54 -26.60 -7.17
C ASP B 73 -17.60 -25.39 -6.25
N ASP B 74 -17.11 -25.58 -5.01
CA ASP B 74 -16.91 -24.45 -4.10
C ASP B 74 -15.49 -24.46 -3.49
N VAL B 75 -14.57 -25.18 -4.10
CA VAL B 75 -13.18 -25.24 -3.68
C VAL B 75 -12.32 -24.92 -4.90
N PHE B 76 -11.38 -24.00 -4.74
CA PHE B 76 -10.51 -23.61 -5.85
C PHE B 76 -9.09 -23.42 -5.34
N ILE B 77 -8.15 -23.44 -6.29
CA ILE B 77 -6.73 -23.26 -6.01
C ILE B 77 -6.30 -21.94 -6.63
N ALA B 78 -5.60 -21.13 -5.86
CA ALA B 78 -5.17 -19.82 -6.33
C ALA B 78 -3.68 -19.84 -6.64
N CYS B 79 -3.29 -19.13 -7.70
CA CYS B 79 -1.89 -18.98 -8.06
C CYS B 79 -1.54 -17.50 -8.20
N GLY B 80 -0.27 -17.20 -7.99
CA GLY B 80 0.26 -15.89 -8.30
C GLY B 80 0.76 -15.80 -9.74
N PRO B 81 1.83 -15.04 -9.97
CA PRO B 81 2.48 -14.97 -11.30
C PRO B 81 3.19 -16.27 -11.69
N ARG C 5 26.77 12.16 8.73
CA ARG C 5 25.55 11.71 9.41
C ARG C 5 24.28 12.31 8.79
N PRO C 6 23.34 11.45 8.42
CA PRO C 6 22.16 11.93 7.69
C PRO C 6 21.21 12.69 8.59
N LYS C 7 20.54 13.68 8.00
CA LYS C 7 19.58 14.55 8.68
C LYS C 7 18.15 14.17 8.29
N LEU C 8 17.28 13.95 9.27
CA LEU C 8 15.89 13.60 9.00
C LEU C 8 15.04 14.87 9.12
N VAL C 9 14.53 15.35 7.99
CA VAL C 9 13.85 16.64 7.91
C VAL C 9 12.35 16.41 7.85
N THR C 10 11.59 17.18 8.64
CA THR C 10 10.13 17.16 8.58
C THR C 10 9.67 18.33 7.71
N ILE C 11 8.90 18.04 6.66
CA ILE C 11 8.33 19.06 5.78
C ILE C 11 6.84 19.18 6.03
N ILE C 12 6.37 20.41 6.22
CA ILE C 12 4.97 20.73 6.36
C ILE C 12 4.52 21.46 5.10
N ARG C 13 3.52 20.90 4.41
CA ARG C 13 3.05 21.48 3.16
C ARG C 13 2.11 22.63 3.46
N SER C 14 2.41 23.78 2.86
CA SER C 14 1.68 25.00 3.19
C SER C 14 0.23 24.90 2.73
N GLY C 15 -0.70 25.21 3.63
CA GLY C 15 -2.10 25.28 3.29
C GLY C 15 -2.80 23.95 3.08
N VAL C 16 -2.11 22.82 3.28
CA VAL C 16 -2.65 21.51 2.95
C VAL C 16 -3.21 20.87 4.21
N LYS C 17 -4.43 20.35 4.11
CA LYS C 17 -5.04 19.59 5.18
C LYS C 17 -5.45 18.22 4.67
N PRO C 18 -5.35 17.18 5.51
CA PRO C 18 -4.94 17.21 6.91
C PRO C 18 -3.47 17.49 7.09
N ARG C 19 -3.06 17.74 8.34
CA ARG C 19 -1.69 18.12 8.67
C ARG C 19 -0.87 16.86 8.87
N LYS C 20 -0.14 16.45 7.84
CA LYS C 20 0.65 15.22 7.88
C LYS C 20 2.09 15.55 7.54
N ALA C 21 2.99 15.23 8.47
CA ALA C 21 4.43 15.43 8.26
C ALA C 21 4.89 14.61 7.08
N VAL C 22 5.74 15.20 6.24
CA VAL C 22 6.48 14.45 5.23
C VAL C 22 7.95 14.46 5.64
N ARG C 23 8.52 13.28 5.82
CA ARG C 23 9.90 13.16 6.29
C ARG C 23 10.81 12.78 5.14
N VAL C 24 11.95 13.46 5.05
CA VAL C 24 12.93 13.24 4.01
C VAL C 24 14.26 13.05 4.71
N LEU C 25 15.01 12.05 4.26
CA LEU C 25 16.30 11.71 4.85
C LEU C 25 17.37 12.18 3.88
N LEU C 26 18.18 13.16 4.30
CA LEU C 26 19.11 13.86 3.42
C LEU C 26 20.50 13.93 4.04
N ASN C 27 21.52 13.81 3.20
CA ASN C 27 22.92 13.82 3.62
C ASN C 27 23.62 15.05 3.07
N LYS C 28 24.27 15.81 3.97
CA LYS C 28 24.94 17.05 3.57
C LYS C 28 25.97 16.82 2.48
N LYS C 29 26.54 15.61 2.41
CA LYS C 29 27.52 15.27 1.40
C LYS C 29 26.85 14.88 0.08
N THR C 30 25.81 14.04 0.15
CA THR C 30 25.19 13.54 -1.08
C THR C 30 24.34 14.60 -1.77
N ALA C 31 23.81 15.57 -1.03
CA ALA C 31 22.96 16.62 -1.60
C ALA C 31 23.85 17.59 -2.37
N HIS C 32 23.81 17.51 -3.70
CA HIS C 32 24.77 18.26 -4.50
C HIS C 32 24.37 19.72 -4.66
N SER C 33 23.08 20.00 -4.78
CA SER C 33 22.64 21.38 -4.92
C SER C 33 21.36 21.58 -4.13
N PHE C 34 21.04 22.86 -3.90
CA PHE C 34 19.77 23.19 -3.27
C PHE C 34 18.60 22.74 -4.12
N GLU C 35 18.72 22.85 -5.44
CA GLU C 35 17.66 22.40 -6.34
C GLU C 35 17.44 20.90 -6.22
N GLN C 36 18.54 20.14 -6.07
CA GLN C 36 18.42 18.72 -5.80
C GLN C 36 17.57 18.47 -4.55
N VAL C 37 17.79 19.24 -3.49
CA VAL C 37 17.06 19.03 -2.25
C VAL C 37 15.57 19.30 -2.47
N LEU C 38 15.25 20.41 -3.16
CA LEU C 38 13.85 20.71 -3.47
C LEU C 38 13.20 19.60 -4.28
N THR C 39 13.95 19.03 -5.21
CA THR C 39 13.42 17.92 -6.00
C THR C 39 13.16 16.70 -5.14
N ASP C 40 14.09 16.38 -4.22
CA ASP C 40 13.91 15.21 -3.37
C ASP C 40 12.71 15.38 -2.46
N ILE C 41 12.43 16.62 -2.03
CA ILE C 41 11.25 16.87 -1.20
C ILE C 41 9.98 16.71 -2.02
N THR C 42 9.98 17.27 -3.23
CA THR C 42 8.85 17.11 -4.14
C THR C 42 8.56 15.64 -4.39
N GLU C 43 9.61 14.86 -4.68
CA GLU C 43 9.40 13.41 -4.84
C GLU C 43 8.88 12.78 -3.55
N ALA C 44 9.41 13.21 -2.39
CA ALA C 44 8.93 12.64 -1.13
C ALA C 44 7.45 12.93 -0.92
N ILE C 45 7.01 14.12 -1.30
CA ILE C 45 5.60 14.48 -1.15
C ILE C 45 4.73 13.61 -2.07
N LYS C 46 5.10 13.48 -3.34
CA LYS C 46 4.30 12.66 -4.24
C LYS C 46 4.22 11.22 -3.76
N LEU C 47 5.29 10.71 -3.14
CA LEU C 47 5.27 9.32 -2.70
C LEU C 47 4.29 9.12 -1.55
N GLU C 48 4.24 10.07 -0.60
CA GLU C 48 3.36 9.93 0.56
C GLU C 48 1.90 10.16 0.21
N THR C 49 1.61 10.72 -0.95
CA THR C 49 0.25 10.68 -1.48
C THR C 49 -0.14 9.23 -1.62
N GLY C 50 -1.13 8.79 -0.86
CA GLY C 50 -1.46 7.38 -0.86
C GLY C 50 -1.99 6.92 -2.21
N VAL C 51 -1.75 5.65 -2.51
CA VAL C 51 -2.37 5.05 -3.68
C VAL C 51 -3.87 4.92 -3.45
N VAL C 52 -4.65 5.16 -4.50
CA VAL C 52 -6.11 5.11 -4.38
C VAL C 52 -6.55 3.66 -4.28
N LYS C 53 -7.25 3.32 -3.19
CA LYS C 53 -7.71 1.96 -2.94
C LYS C 53 -9.20 1.78 -3.16
N LYS C 54 -10.02 2.76 -2.79
CA LYS C 54 -11.47 2.69 -2.94
C LYS C 54 -11.98 3.97 -3.57
N LEU C 55 -13.09 3.86 -4.30
CA LEU C 55 -13.83 4.98 -4.86
C LEU C 55 -15.27 4.92 -4.40
N TYR C 56 -15.88 6.09 -4.20
CA TYR C 56 -17.27 6.16 -3.78
C TYR C 56 -18.00 7.18 -4.62
N THR C 57 -19.29 6.93 -4.89
CA THR C 57 -20.11 8.00 -5.44
C THR C 57 -20.34 9.05 -4.36
N LEU C 58 -20.85 10.22 -4.80
CA LEU C 58 -21.16 11.28 -3.85
C LEU C 58 -22.19 10.81 -2.82
N ASP C 59 -23.13 9.95 -3.23
CA ASP C 59 -24.20 9.49 -2.37
C ASP C 59 -23.76 8.38 -1.42
N GLY C 60 -22.57 7.80 -1.61
CA GLY C 60 -22.03 6.89 -0.63
C GLY C 60 -21.84 5.45 -1.07
N LYS C 61 -22.15 5.12 -2.32
CA LYS C 61 -21.96 3.75 -2.77
C LYS C 61 -20.53 3.54 -3.24
N GLN C 62 -19.95 2.42 -2.86
CA GLN C 62 -18.63 2.09 -3.37
C GLN C 62 -18.71 1.72 -4.85
N VAL C 63 -17.79 2.24 -5.63
CA VAL C 63 -17.60 1.84 -7.02
C VAL C 63 -16.50 0.77 -7.04
N THR C 64 -16.87 -0.46 -7.42
CA THR C 64 -15.95 -1.58 -7.33
C THR C 64 -15.63 -2.25 -8.66
N CYS C 65 -16.16 -1.78 -9.79
CA CYS C 65 -15.86 -2.46 -11.04
C CYS C 65 -16.03 -1.50 -12.20
N LEU C 66 -15.49 -1.90 -13.35
CA LEU C 66 -15.57 -1.07 -14.55
C LEU C 66 -17.00 -0.68 -14.89
N HIS C 67 -17.96 -1.54 -14.62
CA HIS C 67 -19.33 -1.24 -15.04
C HIS C 67 -19.95 -0.16 -14.15
N ASP C 68 -19.70 -0.23 -12.83
CA ASP C 68 -20.09 0.87 -11.93
C ASP C 68 -19.48 2.18 -12.39
N PHE C 69 -18.23 2.12 -12.85
CA PHE C 69 -17.48 3.34 -13.15
C PHE C 69 -18.03 4.04 -14.39
N PHE C 70 -18.38 3.28 -15.44
CA PHE C 70 -18.89 3.90 -16.65
C PHE C 70 -20.41 4.05 -16.65
N GLY C 71 -21.02 4.20 -15.47
CA GLY C 71 -22.40 4.63 -15.35
C GLY C 71 -22.55 6.12 -15.59
N ASP C 72 -23.66 6.68 -15.08
CA ASP C 72 -24.04 8.07 -15.36
C ASP C 72 -23.26 9.09 -14.54
N ASP C 73 -22.85 8.72 -13.34
CA ASP C 73 -22.10 9.63 -12.50
C ASP C 73 -20.75 9.91 -13.13
N ASP C 74 -20.27 11.16 -13.05
CA ASP C 74 -18.88 11.39 -13.41
C ASP C 74 -18.08 12.13 -12.33
N VAL C 75 -18.64 12.30 -11.14
CA VAL C 75 -17.90 12.79 -9.97
C VAL C 75 -17.81 11.65 -8.96
N PHE C 76 -16.59 11.38 -8.47
CA PHE C 76 -16.37 10.37 -7.44
C PHE C 76 -15.43 10.89 -6.36
N ILE C 77 -15.45 10.20 -5.22
CA ILE C 77 -14.56 10.48 -4.11
C ILE C 77 -13.55 9.34 -4.01
N ALA C 78 -12.27 9.70 -3.92
CA ALA C 78 -11.16 8.76 -3.73
C ALA C 78 -10.82 8.59 -2.25
N CYS C 79 -10.56 7.36 -1.85
CA CYS C 79 -9.98 7.07 -0.54
C CYS C 79 -8.68 6.28 -0.68
N GLY C 80 -7.71 6.60 0.16
CA GLY C 80 -6.50 5.81 0.25
C GLY C 80 -6.66 4.63 1.17
N PRO C 81 -5.58 4.22 1.85
CA PRO C 81 -5.61 3.23 2.93
C PRO C 81 -6.58 3.61 4.06
N PHE D 3 -27.41 -14.95 -11.44
CA PHE D 3 -27.22 -16.32 -10.93
C PHE D 3 -26.29 -16.36 -9.71
N VAL D 4 -26.58 -15.53 -8.70
CA VAL D 4 -25.75 -15.41 -7.50
C VAL D 4 -26.64 -15.46 -6.27
N ARG D 5 -26.31 -16.35 -5.33
CA ARG D 5 -26.94 -16.40 -4.01
C ARG D 5 -25.95 -17.01 -3.05
N PRO D 6 -26.09 -16.75 -1.70
CA PRO D 6 -24.98 -16.92 -0.76
C PRO D 6 -24.15 -18.21 -0.92
N LYS D 7 -22.89 -18.05 -1.32
CA LYS D 7 -22.00 -19.17 -1.63
C LYS D 7 -20.66 -19.02 -0.90
N LEU D 8 -20.41 -19.91 0.06
CA LEU D 8 -19.17 -19.89 0.84
C LEU D 8 -18.09 -20.66 0.09
N VAL D 9 -17.06 -19.95 -0.37
CA VAL D 9 -16.05 -20.53 -1.24
C VAL D 9 -14.76 -20.75 -0.45
N THR D 10 -14.14 -21.91 -0.66
CA THR D 10 -12.87 -22.28 -0.05
C THR D 10 -11.73 -22.10 -1.06
N ILE D 11 -10.66 -21.41 -0.66
CA ILE D 11 -9.51 -21.15 -1.51
C ILE D 11 -8.27 -21.82 -0.93
N ILE D 12 -7.56 -22.57 -1.76
CA ILE D 12 -6.30 -23.22 -1.41
C ILE D 12 -5.15 -22.52 -2.14
N ARG D 13 -4.18 -22.02 -1.40
CA ARG D 13 -3.05 -21.31 -2.00
C ARG D 13 -2.03 -22.30 -2.57
N SER D 14 -1.78 -22.21 -3.88
CA SER D 14 -0.85 -23.11 -4.53
C SER D 14 0.52 -23.08 -3.87
N GLY D 15 1.03 -24.26 -3.52
CA GLY D 15 2.38 -24.39 -3.01
C GLY D 15 2.64 -23.79 -1.64
N VAL D 16 1.63 -23.28 -0.94
CA VAL D 16 1.84 -22.65 0.35
C VAL D 16 1.58 -23.65 1.48
N LYS D 17 2.57 -23.80 2.37
CA LYS D 17 2.46 -24.61 3.57
C LYS D 17 2.68 -23.76 4.81
N PRO D 18 1.95 -24.00 5.91
CA PRO D 18 0.94 -25.04 6.10
C PRO D 18 -0.30 -24.86 5.24
N ARG D 19 -1.09 -25.93 5.09
CA ARG D 19 -2.32 -25.91 4.29
C ARG D 19 -3.45 -25.34 5.13
N LYS D 20 -3.66 -24.02 5.03
CA LYS D 20 -4.77 -23.36 5.68
C LYS D 20 -5.79 -22.90 4.63
N ALA D 21 -7.05 -23.26 4.85
CA ALA D 21 -8.12 -22.81 3.97
C ALA D 21 -8.40 -21.34 4.18
N VAL D 22 -8.61 -20.62 3.08
CA VAL D 22 -9.08 -19.24 3.09
C VAL D 22 -10.49 -19.22 2.55
N ARG D 23 -11.43 -18.74 3.35
CA ARG D 23 -12.84 -18.75 2.98
C ARG D 23 -13.31 -17.36 2.62
N VAL D 24 -14.25 -17.31 1.67
CA VAL D 24 -14.74 -16.05 1.11
C VAL D 24 -16.23 -16.20 0.82
N LEU D 25 -17.05 -15.28 1.32
CA LEU D 25 -18.50 -15.31 1.11
C LEU D 25 -18.87 -14.48 -0.12
N LEU D 26 -19.69 -15.04 -0.99
CA LEU D 26 -20.12 -14.37 -2.22
C LEU D 26 -21.63 -14.45 -2.36
N ASN D 27 -22.20 -13.40 -2.97
CA ASN D 27 -23.62 -13.31 -3.29
C ASN D 27 -23.82 -12.21 -4.32
N LYS D 28 -25.05 -11.73 -4.48
CA LYS D 28 -25.30 -10.67 -5.46
C LYS D 28 -24.52 -9.41 -5.12
N LYS D 29 -24.31 -9.13 -3.83
CA LYS D 29 -23.55 -7.96 -3.40
C LYS D 29 -22.08 -8.05 -3.81
N THR D 30 -21.30 -8.86 -3.08
CA THR D 30 -19.84 -8.88 -3.23
C THR D 30 -19.39 -9.61 -4.49
N ALA D 31 -20.25 -9.75 -5.52
CA ALA D 31 -19.88 -10.36 -6.80
C ALA D 31 -20.48 -9.51 -7.94
N HIS D 32 -19.80 -8.42 -8.27
CA HIS D 32 -20.14 -7.58 -9.40
C HIS D 32 -19.35 -7.89 -10.66
N SER D 33 -18.13 -8.40 -10.52
CA SER D 33 -17.29 -8.71 -11.66
C SER D 33 -16.24 -9.71 -11.22
N PHE D 34 -15.58 -10.32 -12.20
CA PHE D 34 -14.59 -11.36 -11.91
C PHE D 34 -13.33 -10.78 -11.30
N GLU D 35 -12.89 -9.63 -11.83
CA GLU D 35 -11.74 -8.94 -11.25
C GLU D 35 -11.97 -8.60 -9.79
N GLN D 36 -13.21 -8.27 -9.43
CA GLN D 36 -13.48 -7.91 -8.04
C GLN D 36 -13.35 -9.12 -7.15
N VAL D 37 -13.79 -10.28 -7.63
CA VAL D 37 -13.73 -11.48 -6.82
C VAL D 37 -12.29 -11.86 -6.52
N LEU D 38 -11.44 -11.85 -7.56
CA LEU D 38 -10.02 -12.11 -7.36
C LEU D 38 -9.42 -11.16 -6.36
N THR D 39 -9.74 -9.87 -6.50
CA THR D 39 -9.26 -8.88 -5.54
C THR D 39 -9.77 -9.17 -4.14
N ASP D 40 -11.04 -9.55 -4.01
CA ASP D 40 -11.57 -9.90 -2.70
C ASP D 40 -10.88 -11.14 -2.15
N ILE D 41 -10.50 -12.08 -3.02
CA ILE D 41 -9.74 -13.25 -2.56
C ILE D 41 -8.36 -12.81 -2.09
N THR D 42 -7.72 -11.91 -2.83
CA THR D 42 -6.41 -11.40 -2.43
C THR D 42 -6.45 -10.79 -1.04
N GLU D 43 -7.42 -9.90 -0.79
CA GLU D 43 -7.51 -9.30 0.54
C GLU D 43 -7.77 -10.35 1.62
N ALA D 44 -8.60 -11.35 1.32
CA ALA D 44 -8.86 -12.39 2.32
C ALA D 44 -7.58 -13.16 2.67
N ILE D 45 -6.73 -13.41 1.67
CA ILE D 45 -5.45 -14.05 1.93
C ILE D 45 -4.56 -13.14 2.78
N LYS D 46 -4.41 -11.88 2.37
CA LYS D 46 -3.58 -10.95 3.15
C LYS D 46 -4.12 -10.78 4.55
N LEU D 47 -5.43 -10.85 4.72
CA LEU D 47 -6.00 -10.76 6.05
C LEU D 47 -5.52 -11.91 6.93
N GLU D 48 -5.40 -13.11 6.37
CA GLU D 48 -5.04 -14.28 7.16
C GLU D 48 -3.55 -14.42 7.42
N THR D 49 -2.73 -13.47 6.99
CA THR D 49 -1.33 -13.45 7.37
C THR D 49 -1.23 -13.23 8.86
N GLY D 50 -0.44 -14.06 9.53
CA GLY D 50 -0.19 -13.83 10.94
C GLY D 50 0.59 -12.55 11.14
N VAL D 51 0.26 -11.85 12.20
CA VAL D 51 1.02 -10.66 12.57
C VAL D 51 2.28 -11.08 13.30
N VAL D 52 3.41 -10.46 12.94
CA VAL D 52 4.69 -10.83 13.54
C VAL D 52 4.67 -10.44 15.02
N LYS D 53 4.78 -11.43 15.89
CA LYS D 53 4.79 -11.21 17.33
C LYS D 53 6.17 -11.30 17.93
N LYS D 54 7.03 -12.17 17.41
CA LYS D 54 8.37 -12.32 17.97
C LYS D 54 9.37 -12.49 16.84
N LEU D 55 10.59 -12.04 17.09
CA LEU D 55 11.73 -12.15 16.19
C LEU D 55 12.89 -12.81 16.91
N TYR D 56 13.63 -13.63 16.18
CA TYR D 56 14.77 -14.34 16.72
C TYR D 56 15.97 -14.19 15.79
N THR D 57 17.16 -14.14 16.40
CA THR D 57 18.37 -14.38 15.62
C THR D 57 18.34 -15.82 15.12
N LEU D 58 19.25 -16.11 14.18
CA LEU D 58 19.34 -17.48 13.67
C LEU D 58 19.83 -18.45 14.73
N ASP D 59 20.52 -17.95 15.75
CA ASP D 59 20.97 -18.77 16.87
C ASP D 59 19.98 -18.77 18.01
N GLY D 60 18.76 -18.32 17.77
CA GLY D 60 17.68 -18.49 18.73
C GLY D 60 17.60 -17.48 19.83
N LYS D 61 18.35 -16.38 19.77
CA LYS D 61 18.15 -15.31 20.74
C LYS D 61 16.99 -14.45 20.28
N GLN D 62 16.13 -14.07 21.23
CA GLN D 62 14.99 -13.25 20.88
C GLN D 62 15.43 -11.80 20.73
N VAL D 63 15.02 -11.19 19.63
CA VAL D 63 15.24 -9.77 19.37
C VAL D 63 14.14 -8.99 20.09
N THR D 64 14.53 -8.15 21.03
CA THR D 64 13.53 -7.51 21.90
C THR D 64 13.50 -6.00 21.86
N CYS D 65 14.53 -5.33 21.34
CA CYS D 65 14.54 -3.88 21.30
C CYS D 65 15.21 -3.43 20.01
N LEU D 66 15.07 -2.13 19.73
CA LEU D 66 15.54 -1.55 18.47
C LEU D 66 17.03 -1.77 18.26
N HIS D 67 17.80 -1.75 19.34
CA HIS D 67 19.25 -1.91 19.26
C HIS D 67 19.65 -3.32 18.81
N ASP D 68 18.75 -4.29 18.95
CA ASP D 68 19.06 -5.65 18.52
C ASP D 68 19.13 -5.74 17.00
N PHE D 69 18.43 -4.86 16.28
CA PHE D 69 18.54 -4.86 14.82
C PHE D 69 19.88 -4.33 14.34
N PHE D 70 20.64 -3.63 15.17
CA PHE D 70 21.79 -2.91 14.65
C PHE D 70 23.10 -3.47 15.18
N GLY D 71 23.08 -4.70 15.67
CA GLY D 71 24.30 -5.47 15.85
C GLY D 71 24.80 -5.98 14.51
N ASP D 72 25.50 -7.11 14.54
CA ASP D 72 26.18 -7.58 13.35
C ASP D 72 25.31 -8.45 12.43
N ASP D 73 24.37 -9.20 13.00
CA ASP D 73 23.46 -10.00 12.20
C ASP D 73 22.57 -9.12 11.33
N ASP D 74 22.23 -9.63 10.14
CA ASP D 74 21.16 -8.99 9.37
C ASP D 74 20.09 -9.98 8.90
N VAL D 75 20.09 -11.21 9.41
CA VAL D 75 19.07 -12.21 9.09
C VAL D 75 18.35 -12.58 10.38
N PHE D 76 17.03 -12.58 10.34
CA PHE D 76 16.25 -12.89 11.53
C PHE D 76 15.10 -13.81 11.16
N ILE D 77 14.53 -14.45 12.17
CA ILE D 77 13.40 -15.35 12.01
C ILE D 77 12.18 -14.74 12.69
N ALA D 78 11.07 -14.72 11.98
CA ALA D 78 9.82 -14.14 12.46
C ALA D 78 8.87 -15.24 12.88
N CYS D 79 8.19 -15.05 14.01
CA CYS D 79 7.23 -16.02 14.50
C CYS D 79 5.85 -15.39 14.63
N GLY D 80 4.83 -16.22 14.42
CA GLY D 80 3.46 -15.84 14.71
C GLY D 80 3.08 -16.24 16.12
N PRO D 81 1.77 -16.44 16.36
CA PRO D 81 1.23 -16.89 17.66
C PRO D 81 1.72 -18.27 18.10
N PRO E 1 24.01 -29.75 6.87
CA PRO E 1 22.76 -29.10 6.47
C PRO E 1 22.15 -28.35 7.64
N GLU E 2 22.76 -27.24 8.02
CA GLU E 2 22.36 -26.50 9.21
C GLU E 2 20.84 -26.27 9.22
N SER E 3 20.28 -26.17 10.42
CA SER E 3 18.86 -25.93 10.59
C SER E 3 18.38 -25.26 11.87
N SER E 4 17.57 -24.21 11.71
CA SER E 4 17.15 -23.36 12.84
C SER E 4 15.86 -23.05 13.59
N GLU E 5 15.06 -22.15 13.01
CA GLU E 5 13.73 -21.70 13.41
C GLU E 5 13.33 -21.58 14.88
N GLY E 6 14.20 -20.99 15.69
CA GLY E 6 13.91 -20.74 17.09
C GLY E 6 12.69 -19.89 17.31
N PRO F 1 -26.67 23.60 2.19
N PRO F 1 -15.52 7.50 1.73
CA PRO F 1 -25.39 23.10 1.69
CA PRO F 1 -16.97 7.69 1.78
C PRO F 1 -25.27 21.58 1.77
C PRO F 1 -17.36 9.08 2.30
N GLU F 2 -25.27 20.91 0.63
N GLU F 2 -16.59 10.10 1.97
CA GLU F 2 -25.08 19.47 0.62
CA GLU F 2 -16.91 11.45 2.43
C GLU F 2 -23.73 19.11 1.26
C GLU F 2 -18.32 11.84 1.99
N SER F 3 -23.69 17.93 1.88
N SER F 3 -19.00 12.59 2.85
CA SER F 3 -22.47 17.48 2.55
CA SER F 3 -20.35 13.04 2.55
C SER F 3 -22.46 15.97 2.61
C SER F 3 -20.52 14.47 3.03
N SER F 4 -21.31 15.36 2.31
N SER F 4 -21.38 15.22 2.32
CA SER F 4 -21.15 13.91 2.20
CA SER F 4 -21.68 16.64 2.53
C SER F 4 -19.67 13.60 1.97
C SER F 4 -22.69 17.06 1.49
N GLU F 5 -19.27 12.38 2.34
N GLU F 5 -23.38 18.18 1.76
CA GLU F 5 -17.90 11.94 2.07
CA GLU F 5 -24.18 18.90 0.75
C GLU F 5 -17.76 10.48 2.51
C GLU F 5 -24.88 20.07 1.43
N GLY F 6 -16.64 9.89 2.11
N GLY F 6 -25.30 21.03 0.58
CA GLY F 6 -16.23 8.58 2.59
CA GLY F 6 -26.08 22.17 1.03
C GLY F 6 -17.08 7.39 2.18
C GLY F 6 -25.36 23.18 1.90
N PRO G 1 -4.51 -41.35 -1.25
CA PRO G 1 -4.48 -39.91 -1.04
C PRO G 1 -4.48 -39.14 -2.36
N GLU G 2 -5.62 -38.55 -2.71
CA GLU G 2 -5.68 -37.76 -3.94
C GLU G 2 -4.66 -36.64 -3.89
N SER G 3 -4.14 -36.27 -5.06
CA SER G 3 -3.16 -35.21 -5.16
C SER G 3 -3.41 -34.42 -6.45
N SER G 4 -3.16 -33.11 -6.38
CA SER G 4 -3.41 -32.18 -7.49
C SER G 4 -2.85 -30.82 -7.12
N GLU G 5 -2.62 -29.98 -8.12
CA GLU G 5 -2.29 -28.57 -7.93
C GLU G 5 -2.11 -27.89 -9.27
N GLY G 6 -2.08 -26.55 -9.22
CA GLY G 6 -1.69 -25.73 -10.36
C GLY G 6 -2.65 -25.69 -11.53
#